data_6ZBQ
#
_entry.id   6ZBQ
#
_cell.length_a   76.334
_cell.length_b   76.334
_cell.length_c   72.434
_cell.angle_alpha   90.000
_cell.angle_beta   90.000
_cell.angle_gamma   90.000
#
_symmetry.space_group_name_H-M   'I 4'
#
loop_
_entity.id
_entity.type
_entity.pdbx_description
1 polymer 'Dishevelled, dsh homolog 3 (Drosophila), isoform CRA_b'
2 non-polymer '5-fluoranyl-2-(5,6,7,8-tetrahydronaphthalen-2-ylsulfonylamino)benzoic acid'
3 water water
#
_entity_poly.entity_id   1
_entity_poly.type   'polypeptide(L)'
_entity_poly.pdbx_seq_one_letter_code
;AMSLNIITVTLNMEKYNFLGISIVGQSNERGDGGIYIGSIMKGGAVAADGRIEPGDMLLQVNEINFENMSNDDAVRVLRE
IVHKPGPITLTVAKS
;
_entity_poly.pdbx_strand_id   A,B
#
# COMPACT_ATOMS: atom_id res chain seq x y z
N ALA A 1 -15.08 -11.12 -5.15
CA ALA A 1 -14.71 -12.00 -6.30
C ALA A 1 -13.32 -12.57 -6.13
N MET A 2 -12.76 -13.13 -7.20
CA MET A 2 -11.37 -13.66 -7.19
C MET A 2 -10.36 -12.53 -6.92
N SER A 3 -9.34 -12.84 -6.13
CA SER A 3 -8.35 -11.85 -5.67
C SER A 3 -7.68 -11.19 -6.86
N LEU A 4 -7.39 -9.90 -6.74
CA LEU A 4 -6.46 -9.19 -7.64
C LEU A 4 -5.00 -9.52 -7.30
N ASN A 5 -4.74 -10.18 -6.17
CA ASN A 5 -3.37 -10.59 -5.78
C ASN A 5 -2.45 -9.36 -5.70
N ILE A 6 -2.98 -8.24 -5.18
CA ILE A 6 -2.21 -7.03 -4.85
C ILE A 6 -2.04 -6.99 -3.33
N ILE A 7 -0.82 -6.91 -2.83
CA ILE A 7 -0.57 -6.86 -1.37
C ILE A 7 0.28 -5.64 -1.06
N THR A 8 -0.06 -5.00 0.06
CA THR A 8 0.73 -3.87 0.57
C THR A 8 1.37 -4.31 1.88
N VAL A 9 2.66 -4.06 1.99
CA VAL A 9 3.52 -4.49 3.12
C VAL A 9 4.18 -3.23 3.67
N THR A 10 4.07 -3.02 4.98
CA THR A 10 4.79 -1.92 5.64
C THR A 10 5.87 -2.53 6.55
N LEU A 11 7.11 -2.14 6.29
CA LEU A 11 8.30 -2.64 7.01
C LEU A 11 8.80 -1.52 7.93
N ASN A 12 8.80 -1.82 9.22
CA ASN A 12 9.53 -1.03 10.24
C ASN A 12 11.03 -1.30 10.04
N MET A 13 11.78 -0.26 9.79
CA MET A 13 13.20 -0.39 9.43
C MET A 13 14.06 -0.02 10.64
N GLU A 14 13.50 -0.07 11.85
CA GLU A 14 14.26 0.23 13.08
C GLU A 14 15.41 -0.76 13.28
N LYS A 15 15.21 -2.05 12.96
CA LYS A 15 16.19 -3.13 13.27
C LYS A 15 16.94 -3.56 12.00
N TYR A 16 16.71 -2.91 10.86
CA TYR A 16 17.36 -3.31 9.57
C TYR A 16 18.06 -2.14 8.89
N ASN A 17 19.16 -2.42 8.21
CA ASN A 17 19.84 -1.41 7.37
C ASN A 17 19.22 -1.41 5.97
N PHE A 18 18.83 -2.59 5.50
CA PHE A 18 18.55 -2.83 4.07
C PHE A 18 17.19 -3.52 3.92
N LEU A 19 16.55 -3.34 2.76
CA LEU A 19 15.46 -4.24 2.33
C LEU A 19 16.03 -5.64 2.10
N GLY A 20 17.23 -5.74 1.52
CA GLY A 20 17.84 -7.01 1.10
C GLY A 20 17.14 -7.60 -0.12
N ILE A 21 16.98 -6.81 -1.17
CA ILE A 21 16.42 -7.29 -2.46
C ILE A 21 17.36 -6.91 -3.59
N SER A 22 17.24 -7.63 -4.70
CA SER A 22 17.74 -7.20 -6.03
C SER A 22 16.54 -7.10 -6.96
N ILE A 23 16.58 -6.12 -7.85
CA ILE A 23 15.43 -5.91 -8.79
C ILE A 23 15.90 -6.17 -10.21
N VAL A 24 14.96 -6.69 -10.99
CA VAL A 24 15.20 -7.01 -12.41
C VAL A 24 14.08 -6.36 -13.22
N GLY A 25 14.32 -6.11 -14.50
CA GLY A 25 13.31 -5.51 -15.40
C GLY A 25 13.43 -4.01 -15.51
N GLN A 26 12.53 -3.42 -16.29
CA GLN A 26 12.30 -1.95 -16.40
C GLN A 26 10.79 -1.72 -16.59
N GLY A 33 6.69 -6.93 -17.48
CA GLY A 33 6.90 -5.68 -18.23
C GLY A 33 7.07 -4.50 -17.29
N GLY A 34 7.54 -4.78 -16.08
CA GLY A 34 7.79 -3.78 -15.04
C GLY A 34 9.11 -4.03 -14.35
N ILE A 35 9.11 -3.74 -13.06
CA ILE A 35 10.26 -4.02 -12.15
CA ILE A 35 10.24 -3.98 -12.11
C ILE A 35 9.82 -5.12 -11.19
N TYR A 36 10.66 -6.13 -11.04
CA TYR A 36 10.35 -7.36 -10.29
C TYR A 36 11.41 -7.55 -9.21
N ILE A 37 11.02 -8.22 -8.13
CA ILE A 37 11.97 -8.77 -7.13
C ILE A 37 12.73 -9.91 -7.83
N GLY A 38 14.04 -9.76 -8.00
CA GLY A 38 14.87 -10.79 -8.62
C GLY A 38 15.32 -11.81 -7.59
N SER A 39 15.66 -11.33 -6.39
CA SER A 39 16.19 -12.17 -5.30
C SER A 39 15.98 -11.45 -3.97
N ILE A 40 16.01 -12.23 -2.89
CA ILE A 40 15.90 -11.70 -1.50
C ILE A 40 17.13 -12.18 -0.71
N MET A 41 17.77 -11.25 0.01
CA MET A 41 19.04 -11.51 0.73
C MET A 41 18.73 -11.72 2.21
N LYS A 42 19.35 -12.71 2.85
CA LYS A 42 19.28 -12.89 4.32
C LYS A 42 19.89 -11.64 4.98
N GLY A 43 19.23 -11.17 6.04
CA GLY A 43 19.74 -10.04 6.86
C GLY A 43 18.94 -8.78 6.61
N GLY A 44 18.12 -8.75 5.57
CA GLY A 44 17.30 -7.58 5.24
C GLY A 44 15.90 -7.65 5.85
N ALA A 45 15.18 -6.54 5.78
CA ALA A 45 13.81 -6.43 6.33
C ALA A 45 12.87 -7.32 5.53
N VAL A 46 13.09 -7.47 4.22
CA VAL A 46 12.12 -8.19 3.37
C VAL A 46 12.13 -9.67 3.75
N ALA A 47 13.31 -10.28 3.91
CA ALA A 47 13.44 -11.70 4.28
C ALA A 47 12.78 -11.92 5.64
N ALA A 48 13.03 -11.02 6.59
CA ALA A 48 12.53 -11.20 7.97
C ALA A 48 11.01 -11.21 7.94
N ASP A 49 10.41 -10.35 7.12
CA ASP A 49 8.94 -10.17 7.05
C ASP A 49 8.31 -11.39 6.36
N GLY A 50 8.94 -11.87 5.29
CA GLY A 50 8.66 -13.20 4.73
C GLY A 50 7.59 -13.19 3.64
N ARG A 51 6.98 -12.05 3.33
CA ARG A 51 5.77 -12.04 2.47
C ARG A 51 6.12 -11.78 1.01
N ILE A 52 7.03 -10.85 0.75
CA ILE A 52 7.48 -10.54 -0.62
C ILE A 52 8.36 -11.70 -1.10
N GLU A 53 8.19 -12.10 -2.36
CA GLU A 53 8.88 -13.26 -2.99
C GLU A 53 9.58 -12.79 -4.26
N PRO A 54 10.59 -13.54 -4.77
CA PRO A 54 11.09 -13.33 -6.12
C PRO A 54 9.95 -13.53 -7.13
N GLY A 55 9.93 -12.65 -8.12
CA GLY A 55 8.90 -12.67 -9.17
C GLY A 55 7.74 -11.76 -8.83
N ASP A 56 7.66 -11.25 -7.58
CA ASP A 56 6.66 -10.23 -7.26
C ASP A 56 6.99 -8.97 -8.06
N MET A 57 5.96 -8.32 -8.59
CA MET A 57 6.13 -7.10 -9.40
C MET A 57 5.90 -5.87 -8.52
N LEU A 58 6.90 -4.99 -8.49
CA LEU A 58 6.83 -3.74 -7.67
CA LEU A 58 6.82 -3.73 -7.68
C LEU A 58 5.88 -2.74 -8.35
N LEU A 59 4.85 -2.29 -7.66
CA LEU A 59 3.95 -1.23 -8.18
C LEU A 59 4.33 0.13 -7.57
N GLN A 60 4.52 0.17 -6.25
CA GLN A 60 4.74 1.46 -5.56
C GLN A 60 5.56 1.21 -4.30
N VAL A 61 6.51 2.09 -4.03
CA VAL A 61 7.26 2.10 -2.76
C VAL A 61 7.20 3.53 -2.22
N ASN A 62 6.63 3.67 -1.02
CA ASN A 62 6.38 5.01 -0.45
C ASN A 62 5.65 5.82 -1.52
N GLU A 63 6.11 7.02 -1.86
CA GLU A 63 5.32 7.91 -2.76
C GLU A 63 5.60 7.62 -4.25
N ILE A 64 6.46 6.65 -4.56
CA ILE A 64 6.98 6.47 -5.95
C ILE A 64 6.34 5.26 -6.63
N ASN A 65 5.76 5.48 -7.80
CA ASN A 65 5.20 4.40 -8.65
C ASN A 65 6.32 3.84 -9.56
N PHE A 66 6.38 2.52 -9.65
CA PHE A 66 7.48 1.77 -10.33
C PHE A 66 7.03 1.18 -11.67
N GLU A 67 5.88 1.60 -12.19
CA GLU A 67 5.39 1.09 -13.50
C GLU A 67 6.13 1.83 -14.63
N ASN A 68 6.65 1.09 -15.60
CA ASN A 68 7.45 1.69 -16.72
C ASN A 68 8.44 2.70 -16.13
N MET A 69 9.24 2.23 -15.16
CA MET A 69 10.46 2.92 -14.65
C MET A 69 11.68 2.19 -15.22
N SER A 70 12.79 2.89 -15.46
CA SER A 70 14.07 2.25 -15.84
C SER A 70 14.65 1.49 -14.65
N ASN A 71 15.38 0.41 -14.91
CA ASN A 71 16.08 -0.33 -13.83
C ASN A 71 16.99 0.62 -13.06
N ASP A 72 17.72 1.49 -13.74
CA ASP A 72 18.68 2.41 -13.09
CA ASP A 72 18.68 2.42 -13.08
C ASP A 72 17.90 3.34 -12.13
N ASP A 73 16.81 3.94 -12.61
CA ASP A 73 16.00 4.87 -11.77
CA ASP A 73 16.00 4.86 -11.78
C ASP A 73 15.51 4.10 -10.55
N ALA A 74 15.04 2.87 -10.73
CA ALA A 74 14.45 2.07 -9.63
C ALA A 74 15.52 1.84 -8.56
N VAL A 75 16.71 1.40 -8.97
CA VAL A 75 17.81 1.15 -8.01
C VAL A 75 18.13 2.45 -7.27
N ARG A 76 18.29 3.57 -7.99
CA ARG A 76 18.69 4.86 -7.40
C ARG A 76 17.63 5.33 -6.40
N VAL A 77 16.35 5.24 -6.74
CA VAL A 77 15.32 5.81 -5.82
C VAL A 77 15.15 4.84 -4.64
N LEU A 78 15.31 3.53 -4.82
CA LEU A 78 15.25 2.59 -3.68
C LEU A 78 16.38 2.90 -2.70
N ARG A 79 17.58 3.21 -3.20
CA ARG A 79 18.71 3.56 -2.30
C ARG A 79 18.27 4.74 -1.42
N GLU A 80 17.67 5.77 -2.01
CA GLU A 80 17.31 6.99 -1.24
C GLU A 80 16.17 6.68 -0.27
N ILE A 81 15.19 5.87 -0.67
CA ILE A 81 14.06 5.47 0.22
C ILE A 81 14.61 4.68 1.42
N VAL A 82 15.59 3.83 1.19
CA VAL A 82 16.18 2.99 2.27
C VAL A 82 17.09 3.85 3.16
N HIS A 83 17.87 4.76 2.58
CA HIS A 83 18.88 5.60 3.30
C HIS A 83 18.15 6.46 4.32
N LYS A 84 16.94 6.93 3.99
CA LYS A 84 16.16 7.85 4.85
C LYS A 84 15.47 7.06 5.96
N PRO A 85 15.74 7.32 7.24
CA PRO A 85 15.09 6.52 8.26
C PRO A 85 13.57 6.69 8.17
N GLY A 86 12.81 5.69 8.64
CA GLY A 86 11.34 5.68 8.66
C GLY A 86 10.77 4.42 7.97
N PRO A 87 9.47 4.13 8.14
CA PRO A 87 8.87 2.91 7.60
C PRO A 87 8.89 2.91 6.06
N ILE A 88 8.93 1.72 5.47
CA ILE A 88 8.87 1.58 3.99
C ILE A 88 7.65 0.74 3.64
N THR A 89 6.80 1.28 2.76
CA THR A 89 5.56 0.63 2.32
C THR A 89 5.77 0.19 0.87
N LEU A 90 5.61 -1.10 0.65
CA LEU A 90 5.74 -1.68 -0.71
C LEU A 90 4.39 -2.25 -1.13
N THR A 91 3.98 -1.93 -2.35
CA THR A 91 2.78 -2.51 -2.96
C THR A 91 3.24 -3.38 -4.13
N VAL A 92 2.89 -4.65 -4.08
CA VAL A 92 3.36 -5.61 -5.12
C VAL A 92 2.18 -6.36 -5.72
N ALA A 93 2.37 -6.78 -6.97
CA ALA A 93 1.48 -7.70 -7.70
C ALA A 93 2.07 -9.10 -7.62
N LYS A 94 1.32 -10.04 -7.05
CA LYS A 94 1.73 -11.45 -6.87
C LYS A 94 1.25 -12.31 -8.03
N SER A 95 0.49 -11.73 -8.96
CA SER A 95 0.10 -12.39 -10.24
C SER A 95 0.61 -11.57 -11.43
N LEU B 4 -2.96 -1.73 -13.21
CA LEU B 4 -4.40 -1.88 -12.86
C LEU B 4 -4.96 -0.52 -12.38
N ASN B 5 -4.09 0.49 -12.43
CA ASN B 5 -4.27 1.80 -11.75
C ASN B 5 -4.52 1.49 -10.27
N ILE B 6 -3.49 1.00 -9.59
CA ILE B 6 -3.45 0.84 -8.11
C ILE B 6 -2.76 2.08 -7.55
N ILE B 7 -3.28 2.63 -6.45
CA ILE B 7 -2.51 3.65 -5.68
C ILE B 7 -2.57 3.26 -4.21
N THR B 8 -1.47 3.53 -3.54
CA THR B 8 -1.35 3.34 -2.08
C THR B 8 -1.16 4.70 -1.43
N VAL B 9 -2.02 5.00 -0.47
CA VAL B 9 -2.12 6.32 0.21
C VAL B 9 -1.84 6.08 1.69
N THR B 10 -0.88 6.80 2.27
CA THR B 10 -0.62 6.77 3.72
C THR B 10 -1.04 8.10 4.32
N LEU B 11 -1.99 8.04 5.24
CA LEU B 11 -2.52 9.22 5.98
C LEU B 11 -1.89 9.27 7.37
N ASN B 12 -1.22 10.36 7.76
CA ASN B 12 -0.43 10.36 9.02
C ASN B 12 -1.36 10.44 10.25
N MET B 13 -2.59 10.91 10.04
CA MET B 13 -3.70 10.99 11.04
C MET B 13 -3.28 11.83 12.25
N GLU B 14 -2.21 12.63 12.14
CA GLU B 14 -1.67 13.41 13.29
C GLU B 14 -2.64 14.56 13.61
N LYS B 15 -3.42 15.03 12.63
CA LYS B 15 -4.37 16.16 12.86
C LYS B 15 -5.73 15.82 12.23
N TYR B 16 -6.00 14.53 12.04
CA TYR B 16 -7.35 13.94 11.84
C TYR B 16 -7.51 12.73 12.77
N ASN B 17 -8.74 12.46 13.24
CA ASN B 17 -9.06 11.25 14.04
C ASN B 17 -10.07 10.37 13.26
N PHE B 18 -10.46 10.76 12.02
CA PHE B 18 -11.30 9.90 11.14
C PHE B 18 -11.01 10.16 9.63
N LEU B 19 -11.39 9.20 8.77
CA LEU B 19 -11.10 9.20 7.31
C LEU B 19 -12.02 10.16 6.57
N GLY B 20 -13.29 10.24 7.00
CA GLY B 20 -14.35 10.99 6.31
C GLY B 20 -14.70 10.37 4.97
N ILE B 21 -14.99 9.07 4.95
CA ILE B 21 -15.50 8.36 3.74
C ILE B 21 -16.78 7.60 4.10
N SER B 22 -17.63 7.36 3.11
CA SER B 22 -18.70 6.34 3.13
C SER B 22 -18.34 5.23 2.14
N ILE B 23 -18.66 3.98 2.48
CA ILE B 23 -18.38 2.81 1.61
C ILE B 23 -19.70 2.13 1.20
N VAL B 24 -19.66 1.46 0.04
CA VAL B 24 -20.84 0.84 -0.63
C VAL B 24 -20.37 -0.47 -1.27
N GLY B 25 -21.30 -1.26 -1.83
CA GLY B 25 -21.04 -2.55 -2.49
C GLY B 25 -21.40 -2.55 -3.98
N GLN B 26 -21.06 -1.47 -4.70
CA GLN B 26 -21.16 -1.38 -6.19
C GLN B 26 -20.95 -2.76 -6.80
N GLY B 33 -17.92 -7.28 -7.69
CA GLY B 33 -18.26 -6.96 -6.29
C GLY B 33 -17.05 -6.41 -5.53
N GLY B 34 -17.21 -6.19 -4.23
CA GLY B 34 -16.18 -5.58 -3.37
C GLY B 34 -16.64 -4.31 -2.68
N ILE B 35 -15.72 -3.66 -1.97
CA ILE B 35 -15.98 -2.44 -1.16
C ILE B 35 -15.53 -1.22 -1.98
N TYR B 36 -16.41 -0.27 -2.20
CA TYR B 36 -16.15 0.96 -3.00
C TYR B 36 -16.31 2.20 -2.13
N ILE B 37 -15.57 3.26 -2.47
CA ILE B 37 -15.78 4.63 -1.91
C ILE B 37 -17.09 5.18 -2.49
N GLY B 38 -18.08 5.40 -1.64
CA GLY B 38 -19.36 6.03 -2.01
C GLY B 38 -19.21 7.54 -2.11
N SER B 39 -18.72 8.17 -1.05
CA SER B 39 -18.61 9.64 -0.91
C SER B 39 -17.40 9.97 -0.02
N ILE B 40 -16.92 11.21 -0.11
CA ILE B 40 -15.76 11.72 0.70
C ILE B 40 -16.17 13.04 1.37
N MET B 41 -16.03 13.11 2.69
CA MET B 41 -16.46 14.25 3.53
C MET B 41 -15.36 15.32 3.56
N LYS B 42 -15.74 16.60 3.49
CA LYS B 42 -14.85 17.74 3.85
C LYS B 42 -14.39 17.56 5.31
N GLY B 43 -13.10 17.79 5.58
CA GLY B 43 -12.54 17.91 6.94
C GLY B 43 -12.04 16.57 7.45
N GLY B 44 -12.15 15.55 6.60
CA GLY B 44 -11.57 14.21 6.80
C GLY B 44 -10.17 14.10 6.21
N ALA B 45 -9.43 13.09 6.67
CA ALA B 45 -8.03 12.82 6.24
C ALA B 45 -8.01 12.53 4.73
N VAL B 46 -9.03 11.84 4.21
CA VAL B 46 -9.02 11.35 2.79
C VAL B 46 -9.21 12.53 1.83
N ALA B 47 -10.12 13.46 2.15
CA ALA B 47 -10.32 14.72 1.39
C ALA B 47 -9.01 15.51 1.35
N ALA B 48 -8.34 15.63 2.50
CA ALA B 48 -7.11 16.45 2.67
C ALA B 48 -6.03 15.94 1.73
N ASP B 49 -5.85 14.62 1.68
CA ASP B 49 -4.89 13.93 0.78
C ASP B 49 -5.25 14.19 -0.69
N GLY B 50 -6.51 13.93 -1.05
CA GLY B 50 -7.11 14.38 -2.32
C GLY B 50 -7.04 13.33 -3.41
N ARG B 51 -6.34 12.21 -3.20
CA ARG B 51 -6.04 11.24 -4.28
C ARG B 51 -7.17 10.22 -4.45
N ILE B 52 -7.78 9.76 -3.35
CA ILE B 52 -8.88 8.76 -3.41
C ILE B 52 -10.17 9.47 -3.83
N GLU B 53 -10.93 8.85 -4.74
CA GLU B 53 -12.17 9.45 -5.33
C GLU B 53 -13.33 8.47 -5.14
N PRO B 54 -14.57 8.97 -5.17
CA PRO B 54 -15.74 8.10 -5.23
C PRO B 54 -15.65 7.15 -6.43
N GLY B 55 -15.94 5.86 -6.18
CA GLY B 55 -15.92 4.81 -7.20
C GLY B 55 -14.64 4.01 -7.18
N ASP B 56 -13.63 4.48 -6.43
CA ASP B 56 -12.38 3.70 -6.22
C ASP B 56 -12.74 2.45 -5.41
N MET B 57 -12.07 1.34 -5.66
CA MET B 57 -12.31 0.08 -4.93
C MET B 57 -11.25 -0.08 -3.86
N LEU B 58 -11.68 -0.36 -2.64
CA LEU B 58 -10.78 -0.48 -1.47
C LEU B 58 -10.25 -1.92 -1.41
N LEU B 59 -8.94 -2.12 -1.59
CA LEU B 59 -8.35 -3.48 -1.59
C LEU B 59 -7.85 -3.84 -0.19
N GLN B 60 -7.27 -2.87 0.53
CA GLN B 60 -6.53 -3.17 1.77
C GLN B 60 -6.48 -1.90 2.60
N VAL B 61 -6.66 -2.04 3.91
CA VAL B 61 -6.44 -0.92 4.88
C VAL B 61 -5.57 -1.49 5.99
N ASN B 62 -4.39 -0.89 6.18
CA ASN B 62 -3.38 -1.41 7.13
C ASN B 62 -3.21 -2.90 6.79
N GLU B 63 -3.36 -3.80 7.77
CA GLU B 63 -3.07 -5.25 7.62
C GLU B 63 -4.27 -6.02 7.06
N ILE B 64 -5.37 -5.35 6.76
CA ILE B 64 -6.66 -6.05 6.49
C ILE B 64 -7.00 -5.97 5.00
N ASN B 65 -7.15 -7.13 4.36
CA ASN B 65 -7.65 -7.22 2.97
C ASN B 65 -9.18 -7.05 2.97
N PHE B 66 -9.69 -6.18 2.11
CA PHE B 66 -11.13 -5.85 2.02
C PHE B 66 -11.82 -6.53 0.82
N GLU B 67 -11.15 -7.38 0.03
CA GLU B 67 -11.73 -7.84 -1.26
C GLU B 67 -12.99 -8.67 -1.06
N ASN B 68 -13.11 -9.42 0.02
CA ASN B 68 -14.30 -10.32 0.15
C ASN B 68 -14.97 -10.05 1.48
N MET B 69 -15.03 -8.77 1.86
CA MET B 69 -15.64 -8.36 3.15
CA MET B 69 -15.63 -8.32 3.15
C MET B 69 -17.08 -7.89 2.89
N SER B 70 -17.98 -8.20 3.80
CA SER B 70 -19.34 -7.64 3.81
C SER B 70 -19.26 -6.14 4.07
N ASN B 71 -20.29 -5.41 3.67
CA ASN B 71 -20.36 -3.95 3.97
C ASN B 71 -20.31 -3.74 5.50
N ASP B 72 -21.09 -4.50 6.26
CA ASP B 72 -21.19 -4.30 7.73
C ASP B 72 -19.83 -4.57 8.35
N ASP B 73 -19.14 -5.63 7.92
CA ASP B 73 -17.83 -5.96 8.52
C ASP B 73 -16.82 -4.89 8.12
N ALA B 74 -16.86 -4.41 6.87
CA ALA B 74 -15.91 -3.38 6.39
C ALA B 74 -16.09 -2.11 7.25
N VAL B 75 -17.33 -1.70 7.51
CA VAL B 75 -17.56 -0.48 8.31
C VAL B 75 -16.96 -0.68 9.71
N ARG B 76 -17.18 -1.85 10.31
CA ARG B 76 -16.71 -2.10 11.70
C ARG B 76 -15.19 -2.13 11.72
N VAL B 77 -14.57 -2.77 10.73
CA VAL B 77 -13.08 -2.84 10.70
C VAL B 77 -12.53 -1.42 10.53
N LEU B 78 -13.08 -0.62 9.63
CA LEU B 78 -12.62 0.78 9.45
C LEU B 78 -12.77 1.53 10.77
N ARG B 79 -13.87 1.35 11.47
CA ARG B 79 -14.10 2.01 12.76
C ARG B 79 -12.95 1.63 13.70
N GLU B 80 -12.66 0.34 13.81
CA GLU B 80 -11.60 -0.15 14.74
C GLU B 80 -10.26 0.47 14.32
N ILE B 81 -9.98 0.54 13.02
CA ILE B 81 -8.68 1.06 12.53
CA ILE B 81 -8.69 1.07 12.49
C ILE B 81 -8.55 2.54 12.89
N VAL B 82 -9.61 3.32 12.71
CA VAL B 82 -9.50 4.80 12.89
CA VAL B 82 -9.54 4.80 12.89
C VAL B 82 -9.39 5.12 14.39
N HIS B 83 -9.82 4.19 15.25
CA HIS B 83 -9.75 4.40 16.73
C HIS B 83 -8.41 3.93 17.31
N LYS B 84 -7.51 3.41 16.48
CA LYS B 84 -6.12 3.06 16.85
CA LYS B 84 -6.12 3.07 16.85
C LYS B 84 -5.22 4.25 16.50
N PRO B 85 -4.17 4.51 17.30
CA PRO B 85 -3.22 5.56 16.96
C PRO B 85 -2.37 5.12 15.75
N GLY B 86 -1.87 6.11 15.01
CA GLY B 86 -0.80 5.92 14.03
C GLY B 86 -1.33 6.04 12.61
N PRO B 87 -0.44 5.97 11.61
CA PRO B 87 -0.84 6.21 10.23
C PRO B 87 -1.78 5.13 9.70
N ILE B 88 -2.61 5.50 8.73
CA ILE B 88 -3.50 4.55 8.01
C ILE B 88 -3.04 4.46 6.55
N THR B 89 -2.88 3.24 6.07
CA THR B 89 -2.46 3.00 4.67
C THR B 89 -3.63 2.35 3.93
N LEU B 90 -4.06 2.96 2.84
CA LEU B 90 -5.17 2.47 2.01
C LEU B 90 -4.61 2.12 0.64
N THR B 91 -4.94 0.93 0.17
CA THR B 91 -4.61 0.53 -1.21
C THR B 91 -5.91 0.44 -2.00
N VAL B 92 -6.00 1.23 -3.06
CA VAL B 92 -7.24 1.32 -3.88
C VAL B 92 -6.94 1.00 -5.34
N ALA B 93 -7.94 0.43 -6.00
CA ALA B 93 -7.98 0.30 -7.47
C ALA B 93 -8.83 1.45 -8.03
N LYS B 94 -8.22 2.33 -8.82
CA LYS B 94 -8.92 3.51 -9.39
C LYS B 94 -10.01 3.02 -10.35
N SER B 95 -11.16 3.71 -10.37
CA SER B 95 -12.30 3.43 -11.29
C SER B 95 -11.84 3.68 -12.74
#